data_7OY0
#
_entry.id   7OY0
#
_cell.length_a   193.755
_cell.length_b   193.755
_cell.length_c   44.332
_cell.angle_alpha   90.000
_cell.angle_beta   90.000
_cell.angle_gamma   120.000
#
_symmetry.space_group_name_H-M   'P 3 2 1'
#
loop_
_entity.id
_entity.type
_entity.pdbx_description
1 polymer 'Spermine oxidase,Spermine oxidase,Spermine oxidase'
2 non-polymer 'FAD-MDL72527 adduct'
3 non-polymer 4-[(4-imidazo[1,2-a]pyridin-3-yl-1,3-thiazol-2-yl)amino]phenol
4 non-polymer 'CHLORIDE ION'
5 water water
#
_entity_poly.entity_id   1
_entity_poly.type   'polypeptide(L)'
_entity_poly.pdbx_seq_one_letter_code
;GGPGPRVVVIGAGLAGLAAAKALLEQGFTDVTVLEASSHIGGRVQSVKLGHATFELGATWIHGSHGNPIYHLAEANGLLE
ETTDGERSVGRISLYSKNGVACYLTNHGRRIPKDVVEEFSDLYNEVYNLTQEFFRHDKPVNAESQNSVGVFTREEVRNRI
RNDPDDPEATKRLKLAMIQQYLKVESCESSSHSMDEVSLSAFGEWTEIPGAHHIIPSGFMRVVELLAEGIPAHVIQLGKP
VRCIHWDQASGSGSGSVVVECEDCELIPADHVIVTVSLGVLKRQYTSFFRPGLPTEKVAAIHRLGIGTTDKIFLEFEEPF
WGPECNSLQFVWEDEAESHTLTYPPELWYRKICGFDVLYPPERYGHVLSGWICGEEALVMETLSDEAVAEICTEMLRQFT
GNPNIPKPRRILRSAWGSNPYFRGSYSYTQVGSSGADVEKLAKPLPGLQVLFSGEATHRKYYSTTHGALLSGQREAARLI
EMYRDLFQQSRPRL
;
_entity_poly.pdbx_strand_id   A
#
loop_
_chem_comp.id
_chem_comp.type
_chem_comp.name
_chem_comp.formula
3EI non-polymer 4-[(4-imidazo[1,2-a]pyridin-3-yl-1,3-thiazol-2-yl)amino]phenol 'C16 H12 N4 O S'
6YU non-polymer 'FAD-MDL72527 adduct' 'C39 H53 N11 O15 P2'
CL non-polymer 'CHLORIDE ION' 'Cl -1'
#
# COMPACT_ATOMS: atom_id res chain seq x y z
N PRO A 3 -21.44 28.34 19.06
CA PRO A 3 -21.63 27.53 17.86
C PRO A 3 -21.59 26.01 18.12
N GLY A 4 -20.91 25.59 19.19
CA GLY A 4 -20.46 24.20 19.40
C GLY A 4 -19.07 24.01 18.80
N PRO A 5 -18.37 22.90 19.10
CA PRO A 5 -16.93 22.78 18.83
C PRO A 5 -16.57 22.91 17.34
N ARG A 6 -15.69 23.85 17.02
CA ARG A 6 -15.07 24.03 15.67
C ARG A 6 -14.07 22.89 15.46
N VAL A 7 -14.30 22.03 14.46
CA VAL A 7 -13.45 20.84 14.18
C VAL A 7 -12.95 20.90 12.73
N VAL A 8 -11.65 21.10 12.56
CA VAL A 8 -10.97 21.01 11.23
C VAL A 8 -10.40 19.60 11.09
N VAL A 9 -10.84 18.87 10.07
CA VAL A 9 -10.27 17.55 9.65
C VAL A 9 -9.33 17.79 8.47
N ILE A 10 -8.04 17.45 8.60
CA ILE A 10 -7.03 17.67 7.53
C ILE A 10 -6.89 16.38 6.73
N GLY A 11 -7.21 16.44 5.43
CA GLY A 11 -7.21 15.28 4.52
C GLY A 11 -8.61 14.71 4.32
N ALA A 12 -8.96 14.34 3.09
CA ALA A 12 -10.25 13.72 2.69
C ALA A 12 -10.00 12.36 2.01
N GLY A 13 -9.06 11.58 2.55
CA GLY A 13 -8.98 10.13 2.32
C GLY A 13 -9.94 9.41 3.25
N LEU A 14 -9.84 8.07 3.33
CA LEU A 14 -10.84 7.24 4.06
C LEU A 14 -10.96 7.67 5.52
N ALA A 15 -9.85 8.03 6.18
CA ALA A 15 -9.83 8.37 7.62
C ALA A 15 -10.55 9.71 7.84
N GLY A 16 -10.22 10.73 7.03
CA GLY A 16 -10.82 12.07 7.09
C GLY A 16 -12.33 12.04 6.88
N LEU A 17 -12.79 11.25 5.91
CA LEU A 17 -14.24 11.15 5.56
C LEU A 17 -14.98 10.39 6.66
N ALA A 18 -14.39 9.29 7.15
CA ALA A 18 -14.94 8.46 8.25
C ALA A 18 -15.12 9.32 9.50
N ALA A 19 -14.12 10.15 9.82
CA ALA A 19 -14.11 11.05 10.99
C ALA A 19 -15.23 12.09 10.86
N ALA A 20 -15.25 12.81 9.73
CA ALA A 20 -16.24 13.87 9.41
C ALA A 20 -17.67 13.28 9.47
N LYS A 21 -17.92 12.13 8.83
CA LYS A 21 -19.26 11.48 8.79
C LYS A 21 -19.71 11.16 10.23
N ALA A 22 -18.84 10.54 11.02
CA ALA A 22 -19.10 10.10 12.41
C ALA A 22 -19.47 11.29 13.28
N LEU A 23 -18.74 12.41 13.14
CA LEU A 23 -19.00 13.68 13.88
C LEU A 23 -20.36 14.24 13.45
N LEU A 24 -20.57 14.40 12.15
CA LEU A 24 -21.83 14.96 11.58
C LEU A 24 -23.01 14.09 11.99
N GLU A 25 -22.87 12.75 11.88
CA GLU A 25 -23.86 11.75 12.38
C GLU A 25 -24.24 12.07 13.84
N GLN A 26 -23.28 12.55 14.65
CA GLN A 26 -23.49 12.90 16.08
C GLN A 26 -23.92 14.38 16.23
N GLY A 27 -24.39 15.02 15.15
CA GLY A 27 -24.89 16.41 15.18
C GLY A 27 -23.82 17.42 15.49
N PHE A 28 -22.57 17.17 15.09
CA PHE A 28 -21.49 18.19 15.09
C PHE A 28 -21.74 19.11 13.89
N THR A 29 -22.23 20.31 14.18
CA THR A 29 -22.66 21.33 13.18
C THR A 29 -21.44 21.94 12.49
N ASP A 30 -20.42 22.31 13.27
CA ASP A 30 -19.30 23.23 12.87
C ASP A 30 -18.08 22.38 12.44
N VAL A 31 -18.23 21.52 11.43
CA VAL A 31 -17.13 20.64 10.92
C VAL A 31 -16.70 21.10 9.53
N THR A 32 -15.39 21.21 9.32
CA THR A 32 -14.76 21.48 8.00
C THR A 32 -13.70 20.39 7.75
N VAL A 33 -13.64 19.87 6.51
CA VAL A 33 -12.55 18.99 6.00
C VAL A 33 -11.70 19.82 5.02
N LEU A 34 -10.38 19.89 5.21
CA LEU A 34 -9.43 20.58 4.30
C LEU A 34 -8.61 19.52 3.56
N GLU A 35 -8.78 19.41 2.24
CA GLU A 35 -8.12 18.40 1.37
C GLU A 35 -7.16 19.12 0.41
N ALA A 36 -5.90 18.73 0.42
CA ALA A 36 -4.80 19.31 -0.39
C ALA A 36 -5.08 19.13 -1.88
N SER A 37 -5.46 17.93 -2.30
CA SER A 37 -5.67 17.58 -3.73
C SER A 37 -7.02 18.11 -4.23
N SER A 38 -7.26 17.98 -5.53
CA SER A 38 -8.54 18.33 -6.20
C SER A 38 -9.62 17.26 -5.94
N HIS A 39 -9.23 16.03 -5.57
CA HIS A 39 -10.14 14.87 -5.38
C HIS A 39 -10.23 14.46 -3.90
N ILE A 40 -11.26 13.66 -3.55
CA ILE A 40 -11.37 12.90 -2.27
C ILE A 40 -10.91 11.46 -2.52
N GLY A 41 -10.66 10.70 -1.44
CA GLY A 41 -10.31 9.26 -1.50
C GLY A 41 -8.88 8.97 -1.12
N GLY A 42 -7.95 9.90 -1.42
CA GLY A 42 -6.54 9.81 -1.04
C GLY A 42 -5.84 8.66 -1.74
N ARG A 43 -5.43 7.62 -0.99
CA ARG A 43 -4.70 6.45 -1.56
C ARG A 43 -5.70 5.43 -2.15
N VAL A 44 -6.99 5.77 -2.17
CA VAL A 44 -8.02 5.17 -3.06
C VAL A 44 -8.11 6.05 -4.31
N GLN A 45 -7.63 5.56 -5.45
CA GLN A 45 -7.68 6.29 -6.73
C GLN A 45 -8.00 5.32 -7.87
N SER A 46 -9.23 5.43 -8.39
CA SER A 46 -9.82 4.57 -9.45
C SER A 46 -9.74 5.33 -10.78
N VAL A 47 -9.37 4.65 -11.86
CA VAL A 47 -9.16 5.25 -13.21
C VAL A 47 -9.92 4.41 -14.25
N LYS A 48 -10.86 5.02 -14.97
CA LYS A 48 -11.69 4.36 -16.02
C LYS A 48 -10.99 4.47 -17.37
N LEU A 49 -10.90 3.34 -18.10
CA LEU A 49 -10.48 3.26 -19.53
C LEU A 49 -11.41 2.25 -20.23
N GLY A 50 -12.12 2.67 -21.27
CA GLY A 50 -13.26 1.93 -21.84
C GLY A 50 -14.38 1.79 -20.82
N HIS A 51 -15.03 0.62 -20.77
CA HIS A 51 -15.99 0.22 -19.71
C HIS A 51 -15.26 -0.72 -18.75
N ALA A 52 -14.23 -0.22 -18.07
CA ALA A 52 -13.36 -0.97 -17.12
C ALA A 52 -12.52 0.00 -16.29
N THR A 53 -12.38 -0.28 -14.99
CA THR A 53 -11.70 0.57 -13.98
C THR A 53 -10.37 -0.09 -13.57
N PHE A 54 -9.32 0.73 -13.50
CA PHE A 54 -7.96 0.38 -13.04
C PHE A 54 -7.70 1.13 -11.74
N GLU A 55 -7.27 0.41 -10.70
CA GLU A 55 -6.92 1.00 -9.39
C GLU A 55 -5.43 1.37 -9.41
N LEU A 56 -5.12 2.62 -9.06
CA LEU A 56 -3.72 3.11 -8.90
C LEU A 56 -3.29 2.97 -7.44
N GLY A 57 -4.22 3.06 -6.50
CA GLY A 57 -3.99 2.84 -5.06
C GLY A 57 -4.60 1.53 -4.59
N ALA A 58 -5.40 1.58 -3.52
CA ALA A 58 -6.03 0.42 -2.86
C ALA A 58 -6.81 -0.39 -3.90
N THR A 59 -6.59 -1.70 -3.92
CA THR A 59 -7.02 -2.62 -5.01
C THR A 59 -8.03 -3.65 -4.48
N TRP A 60 -7.74 -4.29 -3.34
CA TRP A 60 -8.54 -5.39 -2.74
C TRP A 60 -9.13 -4.97 -1.39
N ILE A 61 -10.31 -5.50 -1.06
CA ILE A 61 -10.87 -5.52 0.32
C ILE A 61 -10.38 -6.82 0.98
N HIS A 62 -9.44 -6.69 1.92
CA HIS A 62 -8.91 -7.80 2.75
C HIS A 62 -9.94 -8.13 3.82
N GLY A 63 -10.50 -9.34 3.78
CA GLY A 63 -11.42 -9.86 4.80
C GLY A 63 -12.87 -9.69 4.39
N SER A 64 -13.77 -10.18 5.26
CA SER A 64 -15.22 -10.31 5.02
C SER A 64 -15.99 -9.80 6.24
N HIS A 65 -16.77 -10.65 6.93
CA HIS A 65 -17.55 -10.30 8.14
C HIS A 65 -16.64 -9.59 9.15
N GLY A 66 -17.05 -8.40 9.58
CA GLY A 66 -16.31 -7.57 10.56
C GLY A 66 -15.58 -6.41 9.90
N ASN A 67 -15.10 -6.61 8.67
CA ASN A 67 -14.49 -5.54 7.85
C ASN A 67 -15.58 -4.52 7.50
N PRO A 68 -15.49 -3.27 8.00
CA PRO A 68 -16.54 -2.28 7.77
C PRO A 68 -16.58 -1.77 6.32
N ILE A 69 -15.50 -1.96 5.56
CA ILE A 69 -15.40 -1.62 4.11
C ILE A 69 -16.00 -2.76 3.27
N TYR A 70 -15.85 -4.00 3.70
CA TYR A 70 -16.59 -5.16 3.13
C TYR A 70 -18.09 -4.94 3.34
N HIS A 71 -18.50 -4.55 4.56
CA HIS A 71 -19.92 -4.28 4.91
C HIS A 71 -20.51 -3.25 3.94
N LEU A 72 -19.80 -2.14 3.69
CA LEU A 72 -20.18 -1.08 2.71
C LEU A 72 -20.35 -1.70 1.31
N ALA A 73 -19.28 -2.27 0.76
CA ALA A 73 -19.22 -2.85 -0.61
C ALA A 73 -20.35 -3.86 -0.80
N GLU A 74 -20.49 -4.80 0.13
CA GLU A 74 -21.51 -5.89 0.12
C GLU A 74 -22.91 -5.27 0.16
N ALA A 75 -23.16 -4.28 1.02
CA ALA A 75 -24.50 -3.68 1.29
C ALA A 75 -25.02 -2.91 0.07
N ASN A 76 -24.14 -2.33 -0.75
CA ASN A 76 -24.52 -1.58 -1.98
C ASN A 76 -24.24 -2.43 -3.24
N GLY A 77 -23.99 -3.74 -3.06
CA GLY A 77 -23.93 -4.76 -4.13
C GLY A 77 -22.76 -4.57 -5.08
N LEU A 78 -21.60 -4.15 -4.57
CA LEU A 78 -20.44 -3.75 -5.42
C LEU A 78 -19.46 -4.92 -5.63
N LEU A 79 -19.75 -6.11 -5.09
CA LEU A 79 -18.82 -7.29 -5.08
C LEU A 79 -19.38 -8.43 -5.93
N GLU A 80 -18.58 -9.48 -6.11
CA GLU A 80 -18.94 -10.72 -6.84
C GLU A 80 -18.53 -11.94 -6.00
N ASN A 98 -8.21 -20.71 -15.21
CA ASN A 98 -7.54 -19.39 -15.41
C ASN A 98 -6.11 -19.60 -15.92
N GLY A 99 -5.34 -20.49 -15.27
CA GLY A 99 -4.00 -20.94 -15.72
C GLY A 99 -3.00 -21.12 -14.58
N VAL A 100 -1.70 -20.95 -14.88
CA VAL A 100 -0.55 -21.13 -13.95
C VAL A 100 0.39 -19.93 -14.13
N ALA A 101 1.25 -19.65 -13.15
CA ALA A 101 2.31 -18.62 -13.21
C ALA A 101 3.50 -19.16 -14.02
N CYS A 102 4.04 -18.35 -14.94
CA CYS A 102 5.06 -18.74 -15.96
C CYS A 102 6.41 -18.10 -15.61
N TYR A 103 7.32 -18.90 -15.06
CA TYR A 103 8.68 -18.47 -14.64
C TYR A 103 9.61 -18.50 -15.85
N LEU A 104 10.18 -17.34 -16.21
CA LEU A 104 11.01 -17.11 -17.42
C LEU A 104 12.37 -16.57 -17.00
N THR A 105 13.45 -17.05 -17.64
CA THR A 105 14.86 -16.59 -17.43
C THR A 105 15.11 -15.38 -18.34
N ASN A 106 16.10 -14.55 -17.99
CA ASN A 106 16.48 -13.32 -18.73
C ASN A 106 17.16 -13.64 -20.06
N HIS A 107 17.54 -14.91 -20.30
CA HIS A 107 18.08 -15.41 -21.59
C HIS A 107 16.96 -16.02 -22.46
N GLY A 108 15.69 -15.69 -22.20
CA GLY A 108 14.54 -16.10 -23.03
C GLY A 108 13.94 -17.43 -22.62
N ARG A 109 14.74 -18.37 -22.11
CA ARG A 109 14.32 -19.76 -21.79
C ARG A 109 13.34 -19.75 -20.60
N ARG A 110 12.31 -20.59 -20.66
CA ARG A 110 11.30 -20.78 -19.58
C ARG A 110 11.80 -21.85 -18.61
N ILE A 111 11.56 -21.64 -17.31
CA ILE A 111 11.99 -22.56 -16.21
C ILE A 111 10.93 -23.65 -16.10
N PRO A 112 11.30 -24.94 -16.26
CA PRO A 112 10.37 -26.06 -16.11
C PRO A 112 9.49 -26.09 -14.84
N LYS A 113 8.26 -26.62 -15.00
CA LYS A 113 7.26 -26.91 -13.93
C LYS A 113 7.94 -27.56 -12.72
N ASP A 114 8.74 -28.61 -12.94
CA ASP A 114 9.47 -29.37 -11.90
C ASP A 114 10.28 -28.41 -11.03
N VAL A 115 11.20 -27.68 -11.68
CA VAL A 115 12.21 -26.79 -11.04
C VAL A 115 11.48 -25.75 -10.17
N VAL A 116 10.42 -25.14 -10.70
CA VAL A 116 9.59 -24.10 -10.03
C VAL A 116 8.89 -24.74 -8.81
N GLU A 117 8.35 -25.94 -8.98
CA GLU A 117 7.57 -26.65 -7.93
C GLU A 117 8.51 -27.07 -6.79
N GLU A 118 9.67 -27.64 -7.15
CA GLU A 118 10.74 -28.09 -6.21
C GLU A 118 11.18 -26.92 -5.32
N PHE A 119 11.60 -25.82 -5.93
CA PHE A 119 12.00 -24.58 -5.23
C PHE A 119 10.89 -24.16 -4.27
N SER A 120 9.71 -23.92 -4.81
CA SER A 120 8.47 -23.51 -4.10
C SER A 120 8.23 -24.39 -2.86
N ASP A 121 8.37 -25.73 -2.99
CA ASP A 121 8.16 -26.69 -1.89
C ASP A 121 9.26 -26.49 -0.82
N LEU A 122 10.53 -26.45 -1.25
CA LEU A 122 11.71 -26.24 -0.36
C LEU A 122 11.48 -24.96 0.47
N TYR A 123 11.20 -23.84 -0.20
CA TYR A 123 11.02 -22.52 0.44
C TYR A 123 9.91 -22.61 1.48
N ASN A 124 8.75 -23.15 1.11
CA ASN A 124 7.56 -23.27 2.01
C ASN A 124 7.94 -24.10 3.25
N GLU A 125 8.70 -25.18 3.06
CA GLU A 125 9.12 -26.08 4.16
C GLU A 125 9.99 -25.29 5.15
N VAL A 126 10.98 -24.57 4.61
CA VAL A 126 12.00 -23.83 5.41
C VAL A 126 11.33 -22.63 6.07
N TYR A 127 10.51 -21.87 5.33
CA TYR A 127 9.80 -20.66 5.81
C TYR A 127 8.89 -20.99 7.00
N ASN A 128 8.25 -22.17 7.00
CA ASN A 128 7.28 -22.59 8.03
C ASN A 128 8.06 -23.13 9.24
N LEU A 129 9.05 -24.00 9.02
CA LEU A 129 9.99 -24.51 10.07
C LEU A 129 10.63 -23.32 10.80
N THR A 130 11.06 -22.29 10.06
CA THR A 130 11.72 -21.07 10.59
C THR A 130 10.72 -20.24 11.40
N GLN A 131 9.47 -20.09 10.94
CA GLN A 131 8.47 -19.21 11.60
C GLN A 131 8.00 -19.83 12.93
N GLU A 132 8.17 -21.14 13.12
CA GLU A 132 8.00 -21.81 14.44
C GLU A 132 9.12 -21.36 15.38
N PHE A 133 10.38 -21.51 14.93
CA PHE A 133 11.63 -21.06 15.60
C PHE A 133 11.41 -19.69 16.24
N PHE A 134 10.96 -18.71 15.45
CA PHE A 134 10.69 -17.30 15.84
C PHE A 134 9.17 -17.10 16.01
N VAL A 140 5.96 -12.83 17.96
CA VAL A 140 5.29 -12.19 16.78
C VAL A 140 5.44 -10.67 16.88
N ASN A 141 6.60 -10.13 16.45
CA ASN A 141 6.97 -8.69 16.53
C ASN A 141 7.78 -8.28 15.29
N ALA A 142 7.99 -6.96 15.14
CA ALA A 142 8.50 -6.28 13.92
C ALA A 142 9.96 -6.65 13.61
N GLU A 143 10.83 -6.75 14.62
CA GLU A 143 12.25 -7.13 14.46
C GLU A 143 12.37 -8.62 14.14
N SER A 144 11.68 -9.47 14.92
CA SER A 144 11.69 -10.95 14.82
C SER A 144 11.14 -11.44 13.46
N GLN A 145 10.22 -10.68 12.85
CA GLN A 145 9.72 -10.92 11.46
C GLN A 145 10.92 -11.05 10.52
N ASN A 146 11.77 -10.01 10.47
CA ASN A 146 12.95 -9.89 9.56
C ASN A 146 13.79 -11.18 9.60
N SER A 147 14.10 -11.65 10.81
CA SER A 147 14.97 -12.82 11.07
C SER A 147 14.45 -14.05 10.30
N VAL A 148 13.12 -14.23 10.20
CA VAL A 148 12.46 -15.37 9.50
C VAL A 148 13.00 -15.42 8.06
N GLY A 149 12.85 -14.33 7.31
CA GLY A 149 13.28 -14.21 5.91
C GLY A 149 14.77 -14.46 5.74
N VAL A 150 15.58 -13.79 6.56
CA VAL A 150 17.08 -13.79 6.48
C VAL A 150 17.60 -15.23 6.58
N PHE A 151 17.11 -15.98 7.57
CA PHE A 151 17.56 -17.35 7.91
C PHE A 151 16.86 -18.38 7.02
N THR A 152 15.59 -18.13 6.64
CA THR A 152 14.87 -18.92 5.61
C THR A 152 15.76 -19.01 4.37
N ARG A 153 16.14 -17.84 3.83
CA ARG A 153 16.90 -17.71 2.56
C ARG A 153 18.29 -18.35 2.68
N GLU A 154 18.98 -18.16 3.82
CA GLU A 154 20.33 -18.76 4.05
C GLU A 154 20.20 -20.28 4.03
N GLU A 155 19.20 -20.81 4.74
CA GLU A 155 18.93 -22.27 4.87
C GLU A 155 18.54 -22.86 3.51
N VAL A 156 17.65 -22.17 2.77
CA VAL A 156 17.22 -22.57 1.40
C VAL A 156 18.45 -22.59 0.48
N ARG A 157 19.25 -21.51 0.53
CA ARG A 157 20.50 -21.33 -0.26
C ARG A 157 21.46 -22.48 0.02
N ASN A 158 21.60 -22.89 1.29
CA ASN A 158 22.50 -23.99 1.70
C ASN A 158 22.06 -25.29 1.02
N ARG A 159 20.79 -25.65 1.19
CA ARG A 159 20.21 -26.94 0.72
C ARG A 159 20.30 -27.07 -0.81
N ILE A 160 20.06 -25.98 -1.55
CA ILE A 160 20.15 -25.95 -3.04
C ILE A 160 21.60 -26.32 -3.43
N ARG A 161 22.57 -25.52 -2.97
CA ARG A 161 24.03 -25.74 -3.19
C ARG A 161 24.42 -27.14 -2.71
N ASN A 162 23.90 -27.58 -1.57
CA ASN A 162 24.29 -28.85 -0.91
C ASN A 162 23.66 -30.06 -1.62
N ASP A 163 22.51 -29.90 -2.31
CA ASP A 163 21.76 -31.04 -2.90
C ASP A 163 22.65 -31.76 -3.91
N PRO A 164 23.09 -33.02 -3.65
CA PRO A 164 24.03 -33.70 -4.53
C PRO A 164 23.39 -34.18 -5.84
N ASP A 165 22.06 -34.37 -5.86
CA ASP A 165 21.28 -34.88 -7.02
C ASP A 165 20.60 -33.71 -7.73
N ASP A 166 21.38 -32.70 -8.15
CA ASP A 166 20.90 -31.55 -8.98
C ASP A 166 22.04 -31.12 -9.90
N PRO A 167 21.82 -30.99 -11.23
CA PRO A 167 22.83 -30.39 -12.10
C PRO A 167 23.05 -28.91 -11.78
N GLU A 168 24.27 -28.42 -12.01
CA GLU A 168 24.76 -27.07 -11.61
C GLU A 168 23.93 -25.98 -12.30
N ALA A 169 23.52 -26.23 -13.56
CA ALA A 169 22.65 -25.35 -14.37
C ALA A 169 21.34 -25.02 -13.61
N THR A 170 20.72 -26.05 -13.03
CA THR A 170 19.43 -25.97 -12.30
C THR A 170 19.62 -25.27 -10.95
N LYS A 171 20.72 -25.56 -10.25
CA LYS A 171 21.06 -24.91 -8.95
C LYS A 171 21.10 -23.39 -9.14
N ARG A 172 21.72 -22.92 -10.23
CA ARG A 172 21.88 -21.47 -10.53
C ARG A 172 20.52 -20.82 -10.80
N LEU A 173 19.54 -21.56 -11.35
CA LEU A 173 18.15 -21.07 -11.56
C LEU A 173 17.46 -20.93 -10.20
N LYS A 174 17.45 -22.00 -9.41
CA LYS A 174 16.77 -22.05 -8.08
C LYS A 174 17.31 -20.93 -7.17
N LEU A 175 18.64 -20.73 -7.14
CA LEU A 175 19.29 -19.68 -6.33
C LEU A 175 18.82 -18.28 -6.78
N ALA A 176 18.59 -18.08 -8.07
CA ALA A 176 18.08 -16.79 -8.62
C ALA A 176 16.63 -16.57 -8.19
N MET A 177 15.86 -17.64 -7.97
CA MET A 177 14.43 -17.57 -7.56
C MET A 177 14.31 -17.06 -6.12
N ILE A 178 15.35 -17.25 -5.30
CA ILE A 178 15.43 -16.67 -3.92
C ILE A 178 15.32 -15.16 -4.04
N GLN A 179 16.10 -14.57 -4.95
CA GLN A 179 16.10 -13.11 -5.23
C GLN A 179 14.72 -12.71 -5.78
N GLN A 180 14.14 -13.54 -6.65
CA GLN A 180 12.78 -13.31 -7.21
C GLN A 180 11.77 -13.27 -6.05
N TYR A 181 11.70 -14.34 -5.24
CA TYR A 181 10.77 -14.45 -4.07
C TYR A 181 10.96 -13.23 -3.14
N LEU A 182 12.20 -12.78 -2.96
CA LEU A 182 12.54 -11.63 -2.07
C LEU A 182 11.87 -10.35 -2.60
N LYS A 183 11.87 -10.14 -3.92
CA LYS A 183 11.19 -8.98 -4.58
C LYS A 183 9.67 -9.03 -4.33
N VAL A 184 9.07 -10.23 -4.33
CA VAL A 184 7.61 -10.45 -4.06
C VAL A 184 7.29 -9.98 -2.63
N GLU A 185 8.11 -10.39 -1.66
CA GLU A 185 7.97 -10.08 -0.21
C GLU A 185 8.13 -8.57 0.03
N SER A 186 8.95 -7.88 -0.77
CA SER A 186 9.34 -6.44 -0.61
C SER A 186 8.11 -5.53 -0.53
N CYS A 187 7.04 -5.86 -1.24
CA CYS A 187 5.82 -5.04 -1.38
C CYS A 187 4.87 -5.21 -0.17
N GLU A 188 5.13 -6.15 0.72
CA GLU A 188 4.20 -6.51 1.82
C GLU A 188 4.42 -5.55 3.00
N SER A 189 3.31 -5.17 3.65
CA SER A 189 3.28 -4.29 4.85
C SER A 189 3.81 -5.03 6.08
N SER A 190 3.67 -6.37 6.11
CA SER A 190 4.06 -7.22 7.27
C SER A 190 4.35 -8.66 6.80
N SER A 191 4.68 -9.53 7.76
CA SER A 191 4.69 -11.02 7.62
C SER A 191 3.24 -11.53 7.59
N HIS A 192 2.34 -10.88 8.34
CA HIS A 192 0.91 -11.27 8.51
C HIS A 192 0.13 -11.13 7.20
N SER A 193 0.50 -10.18 6.34
CA SER A 193 -0.05 -10.05 4.96
C SER A 193 0.41 -11.22 4.08
N MET A 194 1.59 -11.80 4.36
CA MET A 194 2.19 -12.98 3.66
C MET A 194 1.82 -14.30 4.37
N ASP A 195 1.10 -14.24 5.50
CA ASP A 195 0.61 -15.44 6.25
C ASP A 195 -0.82 -15.80 5.82
N GLU A 196 -1.44 -15.00 4.93
CA GLU A 196 -2.75 -15.32 4.30
C GLU A 196 -2.54 -16.48 3.31
N VAL A 197 -1.65 -16.28 2.34
CA VAL A 197 -1.30 -17.28 1.28
C VAL A 197 -0.59 -18.48 1.94
N SER A 198 -0.90 -19.69 1.46
CA SER A 198 -0.19 -20.95 1.78
C SER A 198 0.00 -21.76 0.49
N LEU A 199 0.81 -22.83 0.55
CA LEU A 199 1.18 -23.65 -0.63
C LEU A 199 0.21 -24.83 -0.76
N SER A 200 -0.36 -25.02 -1.96
CA SER A 200 -1.29 -26.14 -2.31
C SER A 200 -0.51 -27.45 -2.39
N ALA A 201 -1.22 -28.57 -2.22
CA ALA A 201 -0.68 -29.95 -2.33
C ALA A 201 -0.18 -30.23 -3.75
N PHE A 202 -0.48 -29.36 -4.74
CA PHE A 202 -0.03 -29.47 -6.15
C PHE A 202 0.85 -28.27 -6.53
N GLY A 203 1.57 -27.69 -5.57
CA GLY A 203 2.73 -26.81 -5.82
C GLY A 203 2.39 -25.35 -6.10
N GLU A 204 1.11 -24.98 -6.13
CA GLU A 204 0.64 -23.59 -6.41
C GLU A 204 0.49 -22.81 -5.09
N TRP A 205 0.79 -21.51 -5.10
CA TRP A 205 0.58 -20.58 -3.95
C TRP A 205 -0.89 -20.13 -3.92
N THR A 206 -1.73 -20.78 -3.11
CA THR A 206 -3.20 -20.55 -3.04
C THR A 206 -3.53 -19.59 -1.88
N GLU A 207 -4.24 -18.50 -2.20
CA GLU A 207 -4.80 -17.51 -1.22
C GLU A 207 -6.09 -18.12 -0.62
N ILE A 208 -6.49 -17.66 0.57
CA ILE A 208 -7.74 -18.13 1.26
C ILE A 208 -8.92 -17.65 0.40
N PRO A 209 -9.94 -18.50 0.11
CA PRO A 209 -10.91 -18.20 -0.96
C PRO A 209 -11.60 -16.83 -0.87
N GLY A 210 -12.22 -16.51 0.27
CA GLY A 210 -13.03 -15.28 0.47
C GLY A 210 -12.25 -14.17 1.14
N ALA A 211 -10.93 -14.10 0.92
CA ALA A 211 -9.99 -13.20 1.63
C ALA A 211 -9.96 -11.85 0.93
N HIS A 212 -9.72 -11.86 -0.38
CA HIS A 212 -9.51 -10.65 -1.22
C HIS A 212 -10.64 -10.53 -2.24
N HIS A 213 -11.35 -9.40 -2.23
CA HIS A 213 -12.40 -9.02 -3.20
C HIS A 213 -12.02 -7.72 -3.91
N ILE A 214 -12.23 -7.67 -5.23
CA ILE A 214 -12.16 -6.41 -6.03
C ILE A 214 -13.57 -5.83 -6.13
N ILE A 215 -13.66 -4.53 -6.41
CA ILE A 215 -14.90 -3.80 -6.79
C ILE A 215 -14.78 -3.46 -8.27
N PRO A 216 -15.40 -4.25 -9.19
CA PRO A 216 -15.33 -3.98 -10.63
C PRO A 216 -15.67 -2.54 -11.04
N SER A 217 -16.69 -1.93 -10.40
CA SER A 217 -17.14 -0.53 -10.64
C SER A 217 -16.11 0.48 -10.13
N GLY A 218 -15.16 0.06 -9.28
CA GLY A 218 -14.05 0.89 -8.79
C GLY A 218 -14.09 1.05 -7.27
N PHE A 219 -12.92 1.12 -6.62
CA PHE A 219 -12.77 1.27 -5.15
C PHE A 219 -13.30 2.65 -4.72
N MET A 220 -13.19 3.68 -5.59
CA MET A 220 -13.72 5.04 -5.36
C MET A 220 -15.21 5.02 -4.97
N ARG A 221 -15.97 4.02 -5.43
CA ARG A 221 -17.43 3.90 -5.12
C ARG A 221 -17.60 3.83 -3.60
N VAL A 222 -16.70 3.12 -2.89
CA VAL A 222 -16.72 2.99 -1.40
C VAL A 222 -16.47 4.38 -0.79
N VAL A 223 -15.46 5.08 -1.31
CA VAL A 223 -15.12 6.48 -0.90
C VAL A 223 -16.39 7.34 -1.02
N GLU A 224 -17.09 7.23 -2.15
CA GLU A 224 -18.28 8.04 -2.48
C GLU A 224 -19.47 7.64 -1.58
N LEU A 225 -19.65 6.35 -1.29
CA LEU A 225 -20.68 5.88 -0.33
C LEU A 225 -20.41 6.45 1.06
N LEU A 226 -19.14 6.46 1.49
CA LEU A 226 -18.69 7.02 2.79
C LEU A 226 -18.94 8.54 2.83
N ALA A 227 -18.69 9.25 1.72
CA ALA A 227 -18.82 10.72 1.61
C ALA A 227 -20.28 11.16 1.40
N GLU A 228 -21.17 10.22 1.11
CA GLU A 228 -22.57 10.50 0.66
C GLU A 228 -23.27 11.37 1.72
N GLY A 229 -23.23 10.94 2.98
CA GLY A 229 -23.85 11.67 4.11
C GLY A 229 -23.43 13.14 4.17
N ILE A 230 -22.17 13.44 3.87
CA ILE A 230 -21.50 14.73 4.21
C ILE A 230 -22.03 15.83 3.29
N PRO A 231 -22.49 16.99 3.84
CA PRO A 231 -22.81 18.16 3.03
C PRO A 231 -21.62 18.69 2.22
N ALA A 232 -21.90 19.36 1.08
CA ALA A 232 -20.90 19.78 0.06
C ALA A 232 -20.01 20.92 0.58
N HIS A 233 -20.55 21.85 1.37
CA HIS A 233 -19.84 23.02 1.93
C HIS A 233 -18.68 22.60 2.88
N VAL A 234 -18.80 21.43 3.53
CA VAL A 234 -17.87 20.92 4.58
C VAL A 234 -16.48 20.66 3.98
N ILE A 235 -16.41 19.94 2.85
CA ILE A 235 -15.13 19.49 2.24
C ILE A 235 -14.60 20.61 1.33
N GLN A 236 -13.44 21.17 1.70
CA GLN A 236 -12.68 22.18 0.90
C GLN A 236 -11.55 21.47 0.15
N LEU A 237 -11.74 21.20 -1.15
CA LEU A 237 -10.71 20.58 -2.02
C LEU A 237 -9.70 21.65 -2.44
N GLY A 238 -8.51 21.23 -2.88
CA GLY A 238 -7.42 22.10 -3.34
C GLY A 238 -6.98 23.09 -2.27
N LYS A 239 -6.93 22.66 -1.01
CA LYS A 239 -6.81 23.52 0.21
C LYS A 239 -5.81 22.91 1.20
N PRO A 240 -4.52 22.74 0.82
CA PRO A 240 -3.52 22.14 1.72
C PRO A 240 -3.21 23.02 2.93
N VAL A 241 -3.00 22.38 4.09
CA VAL A 241 -2.54 23.03 5.35
C VAL A 241 -1.01 23.14 5.31
N ARG A 242 -0.49 24.25 5.83
CA ARG A 242 0.96 24.57 5.94
C ARG A 242 1.42 24.29 7.38
N CYS A 243 0.65 24.79 8.35
CA CYS A 243 0.99 24.71 9.79
C CYS A 243 -0.27 24.57 10.63
N ILE A 244 -0.18 23.78 11.71
CA ILE A 244 -1.14 23.75 12.85
C ILE A 244 -0.48 24.49 14.01
N HIS A 245 -1.09 25.59 14.46
CA HIS A 245 -0.74 26.35 15.67
C HIS A 245 -1.65 25.90 16.81
N TRP A 246 -1.10 25.21 17.81
CA TRP A 246 -1.84 24.70 18.99
C TRP A 246 -1.21 25.29 20.25
N ASP A 247 -1.88 25.13 21.39
CA ASP A 247 -1.39 25.56 22.72
C ASP A 247 -1.43 27.10 22.79
N GLN A 248 -2.46 27.71 22.19
CA GLN A 248 -2.59 29.19 22.05
C GLN A 248 -3.30 29.75 23.29
N ALA A 249 -2.81 30.89 23.82
CA ALA A 249 -3.33 31.58 25.04
C ALA A 249 -4.15 32.80 24.62
N SER A 254 -11.81 33.37 21.45
CA SER A 254 -11.27 32.87 20.14
C SER A 254 -10.75 31.43 20.30
N GLY A 255 -10.42 30.79 19.18
CA GLY A 255 -9.95 29.39 19.12
C GLY A 255 -8.52 29.27 19.61
N SER A 256 -8.28 28.36 20.55
CA SER A 256 -6.93 28.04 21.09
C SER A 256 -6.11 27.20 20.09
N VAL A 257 -6.68 26.87 18.92
CA VAL A 257 -5.98 26.27 17.76
C VAL A 257 -6.24 27.16 16.53
N VAL A 258 -5.24 27.29 15.64
CA VAL A 258 -5.30 28.05 14.37
C VAL A 258 -4.63 27.21 13.29
N VAL A 259 -5.39 26.85 12.25
CA VAL A 259 -4.89 26.08 11.07
C VAL A 259 -4.44 27.10 10.01
N GLU A 260 -3.17 27.05 9.64
CA GLU A 260 -2.55 27.94 8.63
C GLU A 260 -2.49 27.16 7.30
N CYS A 261 -3.30 27.58 6.34
CA CYS A 261 -3.35 27.00 4.96
C CYS A 261 -2.22 27.58 4.12
N GLU A 262 -1.85 26.90 3.04
CA GLU A 262 -0.80 27.33 2.08
C GLU A 262 -1.18 28.68 1.44
N ASP A 263 -2.47 28.89 1.12
CA ASP A 263 -2.98 30.16 0.55
C ASP A 263 -3.12 31.23 1.64
N CYS A 264 -2.56 31.00 2.83
CA CYS A 264 -2.36 32.00 3.91
C CYS A 264 -3.66 32.25 4.68
N GLU A 265 -4.73 31.47 4.50
CA GLU A 265 -5.96 31.63 5.32
C GLU A 265 -5.69 31.10 6.73
N LEU A 266 -6.15 31.83 7.75
CA LEU A 266 -6.06 31.43 9.19
C LEU A 266 -7.45 30.95 9.66
N ILE A 267 -7.59 29.65 9.91
CA ILE A 267 -8.87 28.98 10.30
C ILE A 267 -8.80 28.68 11.80
N PRO A 268 -9.51 29.44 12.68
CA PRO A 268 -9.53 29.13 14.11
C PRO A 268 -10.30 27.83 14.34
N ALA A 269 -9.85 27.03 15.33
CA ALA A 269 -10.40 25.69 15.64
C ALA A 269 -10.31 25.44 17.15
N ASP A 270 -11.12 24.49 17.64
CA ASP A 270 -11.08 23.96 19.03
C ASP A 270 -10.31 22.64 19.04
N HIS A 271 -10.61 21.77 18.05
CA HIS A 271 -9.91 20.49 17.80
C HIS A 271 -9.56 20.39 16.32
N VAL A 272 -8.47 19.68 16.02
CA VAL A 272 -7.99 19.32 14.66
C VAL A 272 -7.77 17.81 14.62
N ILE A 273 -8.16 17.16 13.53
CA ILE A 273 -7.87 15.72 13.27
C ILE A 273 -6.93 15.66 12.08
N VAL A 274 -5.68 15.26 12.28
CA VAL A 274 -4.65 15.13 11.21
C VAL A 274 -4.70 13.70 10.67
N THR A 275 -4.92 13.55 9.36
CA THR A 275 -5.05 12.23 8.66
C THR A 275 -3.99 12.05 7.57
N VAL A 276 -3.10 13.03 7.36
CA VAL A 276 -2.05 12.99 6.30
C VAL A 276 -1.15 11.79 6.57
N SER A 277 -0.56 11.22 5.52
CA SER A 277 0.22 9.95 5.59
C SER A 277 1.45 10.15 6.48
N LEU A 278 2.00 9.05 6.97
CA LEU A 278 3.28 9.02 7.74
C LEU A 278 4.38 9.72 6.93
N GLY A 279 4.39 9.53 5.60
CA GLY A 279 5.37 10.12 4.68
C GLY A 279 5.31 11.64 4.70
N VAL A 280 4.10 12.20 4.73
CA VAL A 280 3.85 13.66 4.86
C VAL A 280 4.40 14.13 6.21
N LEU A 281 4.13 13.38 7.29
CA LEU A 281 4.60 13.71 8.66
C LEU A 281 6.13 13.71 8.72
N LYS A 282 6.77 12.70 8.11
CA LYS A 282 8.25 12.57 8.11
C LYS A 282 8.90 13.79 7.47
N ARG A 283 8.32 14.35 6.41
CA ARG A 283 8.95 15.44 5.62
C ARG A 283 8.59 16.82 6.18
N GLN A 284 7.52 16.96 6.98
CA GLN A 284 6.95 18.29 7.30
C GLN A 284 6.75 18.54 8.80
N TYR A 285 6.92 17.54 9.69
CA TYR A 285 6.54 17.69 11.13
C TYR A 285 7.21 18.93 11.76
N THR A 286 8.45 19.28 11.35
CA THR A 286 9.25 20.39 11.97
C THR A 286 8.58 21.74 11.71
N SER A 287 7.96 21.91 10.54
CA SER A 287 7.25 23.15 10.12
C SER A 287 5.75 23.06 10.40
N PHE A 288 5.16 21.85 10.40
CA PHE A 288 3.71 21.60 10.37
C PHE A 288 3.06 21.87 11.74
N PHE A 289 3.83 21.83 12.83
CA PHE A 289 3.33 21.96 14.22
C PHE A 289 4.06 23.10 14.94
N ARG A 290 3.31 23.96 15.63
CA ARG A 290 3.86 25.08 16.44
C ARG A 290 3.02 25.23 17.71
N PRO A 291 3.54 24.86 18.91
CA PRO A 291 4.92 24.43 19.10
C PRO A 291 5.22 23.04 18.53
N GLY A 292 6.49 22.64 18.56
CA GLY A 292 6.94 21.31 18.05
C GLY A 292 6.24 20.19 18.79
N LEU A 293 6.13 19.02 18.16
CA LEU A 293 5.48 17.82 18.76
C LEU A 293 6.30 17.34 19.95
N PRO A 294 5.68 16.70 20.98
CA PRO A 294 6.42 16.02 22.03
C PRO A 294 7.37 14.96 21.44
N THR A 295 8.51 14.74 22.09
CA THR A 295 9.72 14.14 21.47
C THR A 295 9.48 12.63 21.24
N GLU A 296 8.64 11.99 22.05
CA GLU A 296 8.29 10.55 21.88
C GLU A 296 7.50 10.37 20.57
N LYS A 297 6.63 11.32 20.21
CA LYS A 297 5.88 11.32 18.94
C LYS A 297 6.84 11.51 17.76
N VAL A 298 7.78 12.44 17.89
CA VAL A 298 8.83 12.74 16.87
C VAL A 298 9.68 11.49 16.66
N ALA A 299 10.04 10.81 17.74
CA ALA A 299 10.80 9.55 17.72
C ALA A 299 10.01 8.47 16.97
N ALA A 300 8.70 8.35 17.26
CA ALA A 300 7.75 7.40 16.62
C ALA A 300 7.70 7.67 15.11
N ILE A 301 7.57 8.94 14.71
CA ILE A 301 7.58 9.37 13.28
C ILE A 301 8.85 8.83 12.60
N HIS A 302 10.02 8.98 13.23
CA HIS A 302 11.33 8.54 12.69
C HIS A 302 11.41 7.02 12.64
N ARG A 303 10.92 6.34 13.69
CA ARG A 303 11.09 4.88 13.86
C ARG A 303 10.18 4.13 12.88
N LEU A 304 8.93 4.60 12.71
CA LEU A 304 7.93 3.94 11.84
C LEU A 304 8.34 4.12 10.38
N GLY A 305 8.13 3.09 9.55
CA GLY A 305 8.52 3.07 8.13
C GLY A 305 7.32 3.25 7.23
N ILE A 306 7.47 4.03 6.16
CA ILE A 306 6.47 4.11 5.06
C ILE A 306 7.21 3.79 3.76
N GLY A 307 6.68 2.83 3.00
CA GLY A 307 7.26 2.36 1.73
C GLY A 307 6.52 2.96 0.55
N THR A 308 7.22 3.10 -0.58
CA THR A 308 6.65 3.48 -1.89
C THR A 308 6.40 2.21 -2.71
N THR A 309 5.14 1.99 -3.05
CA THR A 309 4.62 0.88 -3.88
C THR A 309 3.85 1.54 -5.02
N ASP A 310 4.28 1.31 -6.27
CA ASP A 310 3.61 1.86 -7.47
C ASP A 310 3.07 0.71 -8.32
N LYS A 311 2.00 0.99 -9.06
CA LYS A 311 1.35 0.07 -10.02
C LYS A 311 1.71 0.52 -11.44
N ILE A 312 2.06 -0.42 -12.31
CA ILE A 312 2.30 -0.19 -13.77
C ILE A 312 1.34 -1.09 -14.55
N PHE A 313 0.47 -0.48 -15.37
CA PHE A 313 -0.44 -1.16 -16.32
C PHE A 313 0.07 -0.96 -17.75
N LEU A 314 0.18 -2.06 -18.51
CA LEU A 314 0.67 -2.08 -19.91
C LEU A 314 -0.40 -2.72 -20.80
N GLU A 315 -1.20 -1.89 -21.48
CA GLU A 315 -2.27 -2.34 -22.42
C GLU A 315 -1.65 -2.59 -23.80
N PHE A 316 -1.74 -3.84 -24.27
CA PHE A 316 -1.27 -4.29 -25.60
C PHE A 316 -2.47 -4.49 -26.54
N GLU A 317 -2.20 -4.43 -27.85
CA GLU A 317 -3.19 -4.68 -28.93
C GLU A 317 -3.73 -6.11 -28.82
N GLU A 318 -2.89 -7.07 -28.39
CA GLU A 318 -3.24 -8.51 -28.32
C GLU A 318 -2.21 -9.27 -27.49
N PRO A 319 -2.53 -10.48 -26.96
CA PRO A 319 -1.64 -11.16 -26.03
C PRO A 319 -0.51 -11.92 -26.74
N PHE A 320 0.74 -11.63 -26.35
CA PHE A 320 1.97 -12.34 -26.78
C PHE A 320 2.32 -13.44 -25.75
N TRP A 321 1.79 -13.31 -24.54
CA TRP A 321 1.86 -14.32 -23.45
C TRP A 321 0.96 -15.51 -23.76
N GLY A 322 1.39 -16.73 -23.39
CA GLY A 322 0.64 -17.98 -23.60
C GLY A 322 -0.65 -18.02 -22.80
N PRO A 323 -1.67 -18.81 -23.23
CA PRO A 323 -2.97 -18.82 -22.56
C PRO A 323 -2.94 -19.49 -21.18
N GLU A 324 -1.95 -20.37 -20.93
CA GLU A 324 -1.76 -21.06 -19.62
C GLU A 324 -1.24 -20.08 -18.56
N CYS A 325 -0.74 -18.89 -18.95
CA CYS A 325 -0.01 -17.94 -18.07
C CYS A 325 -0.98 -16.97 -17.38
N ASN A 326 -1.14 -17.09 -16.06
CA ASN A 326 -1.74 -16.06 -15.17
C ASN A 326 -0.81 -14.86 -15.01
N SER A 327 0.50 -15.11 -15.09
CA SER A 327 1.56 -14.13 -14.78
C SER A 327 2.88 -14.53 -15.46
N LEU A 328 3.76 -13.54 -15.65
CA LEU A 328 5.13 -13.69 -16.23
C LEU A 328 6.16 -13.32 -15.17
N GLN A 329 6.79 -14.34 -14.55
CA GLN A 329 7.71 -14.18 -13.39
C GLN A 329 9.16 -14.09 -13.88
N PHE A 330 9.87 -13.02 -13.48
CA PHE A 330 11.22 -12.64 -13.97
C PHE A 330 12.31 -13.14 -13.01
N VAL A 331 13.05 -14.17 -13.44
CA VAL A 331 14.20 -14.80 -12.71
C VAL A 331 15.50 -14.51 -13.48
N TRP A 332 16.29 -13.55 -12.99
CA TRP A 332 17.58 -13.15 -13.60
C TRP A 332 18.67 -14.14 -13.16
N GLU A 333 19.20 -14.93 -14.11
CA GLU A 333 20.15 -16.05 -13.83
C GLU A 333 21.44 -15.53 -13.17
N ASP A 334 21.80 -14.27 -13.42
CA ASP A 334 23.02 -13.60 -12.87
C ASP A 334 22.78 -13.04 -11.45
N GLU A 335 21.63 -13.32 -10.81
CA GLU A 335 21.32 -12.92 -9.41
C GLU A 335 21.31 -14.15 -8.48
N ALA A 336 22.09 -15.19 -8.82
CA ALA A 336 22.22 -16.43 -8.03
C ALA A 336 23.00 -16.17 -6.74
N GLU A 337 24.00 -15.28 -6.79
CA GLU A 337 24.96 -15.03 -5.67
C GLU A 337 24.53 -13.82 -4.84
N SER A 338 23.76 -12.89 -5.43
CA SER A 338 23.46 -11.57 -4.82
C SER A 338 22.53 -11.74 -3.61
N HIS A 339 22.79 -10.99 -2.54
CA HIS A 339 21.89 -10.79 -1.37
C HIS A 339 21.43 -9.32 -1.38
N THR A 340 21.06 -8.83 -2.56
CA THR A 340 20.70 -7.41 -2.84
C THR A 340 19.39 -7.06 -2.12
N LEU A 341 19.24 -5.79 -1.75
CA LEU A 341 17.97 -5.18 -1.28
C LEU A 341 17.63 -4.00 -2.21
N THR A 342 18.55 -3.05 -2.36
CA THR A 342 18.43 -1.86 -3.27
C THR A 342 19.36 -2.03 -4.47
N TYR A 343 18.82 -1.80 -5.67
CA TYR A 343 19.55 -1.75 -6.97
C TYR A 343 20.01 -0.32 -7.22
N PRO A 344 21.04 -0.10 -8.06
CA PRO A 344 21.41 1.25 -8.50
C PRO A 344 20.37 1.84 -9.45
N PRO A 345 20.34 3.18 -9.65
CA PRO A 345 19.26 3.83 -10.40
C PRO A 345 19.12 3.47 -11.88
N GLU A 346 20.11 2.79 -12.47
CA GLU A 346 20.08 2.30 -13.88
C GLU A 346 19.35 0.95 -13.91
N LEU A 347 19.43 0.17 -12.83
CA LEU A 347 18.84 -1.20 -12.71
C LEU A 347 17.54 -1.15 -11.89
N TRP A 348 16.81 -0.03 -11.90
CA TRP A 348 15.54 0.13 -11.14
C TRP A 348 14.54 -0.96 -11.57
N TYR A 349 14.52 -1.27 -12.88
CA TYR A 349 13.62 -2.23 -13.57
C TYR A 349 13.75 -3.64 -12.98
N ARG A 350 14.94 -3.99 -12.47
CA ARG A 350 15.23 -5.32 -11.86
C ARG A 350 14.42 -5.54 -10.58
N LYS A 351 13.84 -4.49 -10.00
CA LYS A 351 12.98 -4.60 -8.78
C LYS A 351 11.59 -5.16 -9.11
N ILE A 352 11.19 -5.16 -10.38
CA ILE A 352 9.90 -5.77 -10.84
C ILE A 352 10.07 -7.30 -10.84
N CYS A 353 9.25 -8.00 -10.04
CA CYS A 353 9.32 -9.47 -9.83
C CYS A 353 8.59 -10.22 -10.97
N GLY A 354 7.75 -9.50 -11.73
CA GLY A 354 6.99 -10.02 -12.87
C GLY A 354 5.78 -9.16 -13.19
N PHE A 355 4.85 -9.69 -14.00
CA PHE A 355 3.59 -9.03 -14.43
C PHE A 355 2.45 -10.05 -14.43
N ASP A 356 1.30 -9.67 -13.87
CA ASP A 356 0.04 -10.47 -13.88
C ASP A 356 -0.79 -10.13 -15.10
N VAL A 357 -1.33 -11.15 -15.76
CA VAL A 357 -2.33 -11.03 -16.86
C VAL A 357 -3.69 -10.76 -16.20
N LEU A 358 -4.29 -9.59 -16.44
CA LEU A 358 -5.64 -9.25 -15.93
C LEU A 358 -6.68 -10.15 -16.61
N TYR A 359 -7.62 -10.68 -15.82
CA TYR A 359 -8.74 -11.57 -16.23
C TYR A 359 -10.05 -10.93 -15.78
N PRO A 360 -11.12 -10.89 -16.62
CA PRO A 360 -11.14 -11.43 -17.98
C PRO A 360 -10.64 -10.44 -19.03
N PRO A 361 -9.95 -10.91 -20.10
CA PRO A 361 -9.61 -10.08 -21.25
C PRO A 361 -10.72 -9.18 -21.82
N GLU A 362 -11.98 -9.60 -21.75
CA GLU A 362 -13.12 -8.81 -22.31
C GLU A 362 -13.33 -7.51 -21.52
N ARG A 363 -13.15 -7.57 -20.18
CA ARG A 363 -13.29 -6.41 -19.28
C ARG A 363 -12.08 -5.47 -19.48
N TYR A 364 -10.87 -6.01 -19.28
CA TYR A 364 -9.63 -5.22 -19.15
C TYR A 364 -8.92 -5.04 -20.50
N GLY A 365 -9.21 -5.89 -21.49
CA GLY A 365 -8.38 -6.03 -22.69
C GLY A 365 -7.17 -6.89 -22.38
N HIS A 366 -6.12 -6.78 -23.19
CA HIS A 366 -4.83 -7.48 -23.01
C HIS A 366 -3.89 -6.54 -22.25
N VAL A 367 -3.99 -6.55 -20.92
CA VAL A 367 -3.28 -5.63 -19.99
C VAL A 367 -2.44 -6.48 -19.04
N LEU A 368 -1.15 -6.18 -18.95
CA LEU A 368 -0.23 -6.71 -17.91
C LEU A 368 -0.21 -5.72 -16.74
N SER A 369 -0.46 -6.21 -15.52
CA SER A 369 -0.43 -5.44 -14.25
C SER A 369 0.86 -5.77 -13.49
N GLY A 370 1.67 -4.75 -13.20
CA GLY A 370 2.96 -4.89 -12.51
C GLY A 370 3.00 -4.07 -11.22
N TRP A 371 3.90 -4.47 -10.31
CA TRP A 371 4.20 -3.75 -9.05
C TRP A 371 5.70 -3.50 -8.95
N ILE A 372 6.07 -2.33 -8.44
CA ILE A 372 7.48 -1.98 -8.08
C ILE A 372 7.44 -1.30 -6.71
N CYS A 373 8.39 -1.65 -5.84
CA CYS A 373 8.41 -1.28 -4.40
C CYS A 373 9.79 -0.79 -4.00
N GLY A 374 9.85 0.22 -3.12
CA GLY A 374 11.08 0.74 -2.51
C GLY A 374 11.69 1.89 -3.31
N GLU A 375 12.99 2.12 -3.13
CA GLU A 375 13.74 3.26 -3.71
C GLU A 375 13.65 3.24 -5.24
N GLU A 376 13.61 2.04 -5.84
CA GLU A 376 13.57 1.82 -7.31
C GLU A 376 12.25 2.36 -7.87
N ALA A 377 11.17 2.37 -7.07
CA ALA A 377 9.84 2.92 -7.43
C ALA A 377 9.96 4.44 -7.63
N LEU A 378 10.67 5.13 -6.73
CA LEU A 378 10.94 6.60 -6.83
C LEU A 378 11.72 6.91 -8.10
N VAL A 379 12.65 6.03 -8.48
CA VAL A 379 13.47 6.16 -9.72
C VAL A 379 12.56 6.02 -10.94
N MET A 380 11.59 5.10 -10.90
CA MET A 380 10.59 4.88 -11.98
C MET A 380 9.71 6.12 -12.13
N GLU A 381 9.30 6.73 -11.01
CA GLU A 381 8.38 7.91 -10.98
C GLU A 381 9.01 9.12 -11.69
N THR A 382 10.33 9.25 -11.70
CA THR A 382 11.04 10.37 -12.38
C THR A 382 10.97 10.21 -13.90
N LEU A 383 10.99 8.97 -14.42
CA LEU A 383 11.01 8.68 -15.88
C LEU A 383 9.67 9.06 -16.52
N SER A 384 9.69 9.37 -17.83
CA SER A 384 8.49 9.62 -18.67
C SER A 384 7.82 8.29 -19.02
N ASP A 385 6.58 8.35 -19.49
CA ASP A 385 5.77 7.14 -19.86
C ASP A 385 6.45 6.40 -21.01
N GLU A 386 6.89 7.12 -22.06
CA GLU A 386 7.55 6.53 -23.26
C GLU A 386 8.82 5.78 -22.84
N ALA A 387 9.51 6.26 -21.80
CA ALA A 387 10.76 5.66 -21.24
C ALA A 387 10.43 4.39 -20.44
N VAL A 388 9.49 4.47 -19.50
CA VAL A 388 9.06 3.33 -18.65
C VAL A 388 8.54 2.22 -19.58
N ALA A 389 7.62 2.59 -20.47
CA ALA A 389 7.04 1.71 -21.52
C ALA A 389 8.14 0.95 -22.25
N GLU A 390 9.13 1.69 -22.76
CA GLU A 390 10.25 1.17 -23.58
C GLU A 390 11.00 0.07 -22.80
N ILE A 391 11.33 0.36 -21.54
CA ILE A 391 12.19 -0.51 -20.67
C ILE A 391 11.41 -1.79 -20.31
N CYS A 392 10.10 -1.68 -20.06
CA CYS A 392 9.19 -2.83 -19.79
C CYS A 392 9.08 -3.71 -21.04
N THR A 393 8.96 -3.11 -22.21
CA THR A 393 8.88 -3.79 -23.53
C THR A 393 10.19 -4.55 -23.78
N GLU A 394 11.33 -3.88 -23.59
CA GLU A 394 12.70 -4.48 -23.68
C GLU A 394 12.77 -5.71 -22.76
N MET A 395 12.38 -5.56 -21.49
CA MET A 395 12.36 -6.65 -20.49
C MET A 395 11.55 -7.83 -21.03
N LEU A 396 10.28 -7.57 -21.41
CA LEU A 396 9.31 -8.60 -21.87
C LEU A 396 9.89 -9.36 -23.08
N ARG A 397 10.52 -8.67 -24.02
CA ARG A 397 11.16 -9.29 -25.22
C ARG A 397 12.23 -10.30 -24.77
N GLN A 398 13.16 -9.85 -23.92
CA GLN A 398 14.34 -10.63 -23.44
C GLN A 398 13.87 -11.90 -22.71
N PHE A 399 12.82 -11.79 -21.89
CA PHE A 399 12.32 -12.89 -21.02
C PHE A 399 11.49 -13.90 -21.83
N THR A 400 10.66 -13.42 -22.77
CA THR A 400 9.77 -14.25 -23.63
C THR A 400 10.57 -14.99 -24.70
N GLY A 401 11.66 -14.40 -25.18
CA GLY A 401 12.44 -14.90 -26.33
C GLY A 401 11.88 -14.40 -27.66
N ASN A 402 10.80 -13.61 -27.62
CA ASN A 402 10.24 -12.91 -28.81
C ASN A 402 10.75 -11.47 -28.80
N PRO A 403 11.66 -11.07 -29.72
CA PRO A 403 12.06 -9.67 -29.86
C PRO A 403 11.09 -8.77 -30.64
N ASN A 404 9.97 -9.29 -31.15
CA ASN A 404 9.03 -8.61 -32.08
C ASN A 404 7.83 -8.02 -31.34
N ILE A 405 7.77 -8.12 -30.00
CA ILE A 405 6.66 -7.57 -29.18
C ILE A 405 6.60 -6.07 -29.42
N PRO A 406 5.44 -5.50 -29.86
CA PRO A 406 5.35 -4.06 -30.09
C PRO A 406 5.29 -3.27 -28.78
N LYS A 407 5.57 -1.97 -28.87
CA LYS A 407 5.41 -1.00 -27.75
C LYS A 407 3.92 -1.01 -27.37
N PRO A 408 3.56 -1.02 -26.06
CA PRO A 408 2.16 -1.10 -25.66
C PRO A 408 1.36 0.14 -26.10
N ARG A 409 0.11 -0.07 -26.55
CA ARG A 409 -0.80 1.00 -27.06
C ARG A 409 -0.98 2.08 -25.99
N ARG A 410 -1.27 1.68 -24.75
CA ARG A 410 -1.39 2.59 -23.59
C ARG A 410 -0.49 2.09 -22.45
N ILE A 411 -0.15 3.00 -21.55
CA ILE A 411 0.50 2.72 -20.24
C ILE A 411 -0.20 3.58 -19.19
N LEU A 412 -0.40 3.03 -18.00
CA LEU A 412 -0.93 3.76 -16.81
C LEU A 412 -0.08 3.36 -15.60
N ARG A 413 0.22 4.31 -14.72
CA ARG A 413 1.07 4.07 -13.52
C ARG A 413 0.86 5.14 -12.45
N SER A 414 1.17 4.80 -11.19
CA SER A 414 1.04 5.68 -10.00
C SER A 414 2.37 6.36 -9.67
N ALA A 415 2.31 7.37 -8.81
CA ALA A 415 3.49 8.09 -8.28
C ALA A 415 3.18 8.59 -6.87
N TRP A 416 3.02 7.64 -5.95
CA TRP A 416 2.68 7.90 -4.51
C TRP A 416 3.87 8.52 -3.78
N GLY A 417 5.09 8.10 -4.12
CA GLY A 417 6.32 8.47 -3.40
C GLY A 417 6.71 9.93 -3.63
N SER A 418 6.64 10.40 -4.87
CA SER A 418 7.00 11.79 -5.28
C SER A 418 5.82 12.75 -5.10
N ASN A 419 4.61 12.25 -4.87
CA ASN A 419 3.43 13.14 -4.65
C ASN A 419 3.57 13.73 -3.24
N PRO A 420 3.65 15.07 -3.09
CA PRO A 420 3.89 15.68 -1.78
C PRO A 420 2.73 15.55 -0.78
N TYR A 421 1.55 15.10 -1.23
CA TYR A 421 0.37 14.87 -0.36
C TYR A 421 0.35 13.41 0.14
N PHE A 422 1.28 12.56 -0.29
CA PHE A 422 1.37 11.13 0.10
C PHE A 422 2.79 10.80 0.58
N ARG A 423 3.78 10.88 -0.32
CA ARG A 423 5.21 10.59 -0.04
C ARG A 423 5.36 9.15 0.48
N GLY A 424 4.71 8.21 -0.19
CA GLY A 424 4.62 6.80 0.22
C GLY A 424 3.27 6.19 -0.11
N SER A 425 3.21 4.87 -0.10
CA SER A 425 1.99 4.06 -0.38
C SER A 425 1.37 3.57 0.94
N TYR A 426 2.16 3.03 1.86
CA TYR A 426 1.62 2.53 3.15
C TYR A 426 2.74 2.32 4.17
N SER A 427 2.39 2.52 5.44
CA SER A 427 3.23 2.24 6.63
C SER A 427 3.49 0.73 6.73
N TYR A 428 4.69 0.34 7.15
CA TYR A 428 5.10 -1.06 7.37
C TYR A 428 5.85 -1.18 8.70
N THR A 429 5.98 -2.40 9.20
CA THR A 429 6.71 -2.73 10.45
C THR A 429 8.21 -2.78 10.14
N GLN A 430 8.91 -1.67 10.41
CA GLN A 430 10.36 -1.49 10.15
C GLN A 430 11.16 -2.13 11.29
N VAL A 431 12.26 -2.82 10.97
CA VAL A 431 13.19 -3.38 12.00
C VAL A 431 13.68 -2.19 12.84
N GLY A 432 13.41 -2.23 14.15
CA GLY A 432 13.77 -1.16 15.11
C GLY A 432 12.60 -0.25 15.43
N SER A 433 11.38 -0.63 15.05
CA SER A 433 10.11 -0.04 15.56
C SER A 433 9.26 -1.16 16.18
N SER A 434 8.16 -0.78 16.86
CA SER A 434 7.23 -1.68 17.57
C SER A 434 5.79 -1.16 17.47
N GLY A 435 4.82 -1.91 18.00
CA GLY A 435 3.43 -1.48 18.20
C GLY A 435 3.34 -0.27 19.13
N ALA A 436 4.33 -0.12 20.03
CA ALA A 436 4.47 1.03 20.96
C ALA A 436 4.56 2.35 20.19
N ASP A 437 5.26 2.38 19.05
CA ASP A 437 5.45 3.58 18.20
C ASP A 437 4.13 4.02 17.57
N VAL A 438 3.25 3.07 17.21
CA VAL A 438 1.92 3.36 16.60
C VAL A 438 1.05 4.04 17.67
N GLU A 439 0.98 3.47 18.87
CA GLU A 439 0.28 4.08 20.04
C GLU A 439 0.80 5.52 20.26
N LYS A 440 2.11 5.75 20.10
CA LYS A 440 2.77 7.06 20.37
C LYS A 440 2.36 8.06 19.30
N LEU A 441 2.40 7.64 18.03
CA LEU A 441 1.91 8.44 16.86
C LEU A 441 0.43 8.78 17.05
N ALA A 442 -0.39 7.81 17.47
CA ALA A 442 -1.88 7.90 17.56
C ALA A 442 -2.32 8.78 18.74
N LYS A 443 -1.44 9.00 19.73
CA LYS A 443 -1.78 9.68 21.00
C LYS A 443 -2.12 11.14 20.71
N PRO A 444 -3.25 11.68 21.22
CA PRO A 444 -3.61 13.09 20.96
C PRO A 444 -2.70 14.03 21.75
N LEU A 445 -2.52 15.26 21.24
CA LEU A 445 -1.87 16.38 21.98
C LEU A 445 -2.83 16.82 23.08
N PRO A 446 -2.33 17.43 24.18
CA PRO A 446 -3.18 17.86 25.30
C PRO A 446 -4.45 18.63 24.91
N GLY A 447 -5.51 18.45 25.72
CA GLY A 447 -6.85 19.05 25.56
C GLY A 447 -7.59 18.53 24.34
N LEU A 448 -7.14 17.39 23.78
CA LEU A 448 -7.55 16.89 22.45
C LEU A 448 -7.52 18.03 21.41
N GLN A 449 -6.55 18.93 21.49
CA GLN A 449 -6.42 20.08 20.55
C GLN A 449 -6.09 19.53 19.18
N VAL A 450 -5.14 18.60 19.10
CA VAL A 450 -4.75 17.91 17.83
C VAL A 450 -4.84 16.41 18.05
N LEU A 451 -5.58 15.72 17.16
CA LEU A 451 -5.85 14.26 17.18
C LEU A 451 -5.15 13.66 15.95
N PHE A 452 -4.60 12.44 16.09
CA PHE A 452 -3.84 11.76 15.02
C PHE A 452 -4.63 10.56 14.50
N SER A 453 -4.96 10.59 13.21
CA SER A 453 -5.70 9.55 12.49
C SER A 453 -4.85 9.06 11.31
N GLY A 454 -5.40 8.14 10.51
CA GLY A 454 -4.74 7.59 9.31
C GLY A 454 -4.28 6.16 9.54
N GLU A 455 -4.09 5.42 8.45
CA GLU A 455 -3.78 3.96 8.43
C GLU A 455 -2.64 3.68 9.42
N ALA A 456 -1.56 4.47 9.38
CA ALA A 456 -0.31 4.27 10.18
C ALA A 456 -0.57 4.46 11.67
N THR A 457 -1.72 5.00 12.08
CA THR A 457 -2.10 5.15 13.52
C THR A 457 -2.96 3.96 14.00
N HIS A 458 -3.23 2.94 13.18
CA HIS A 458 -4.06 1.78 13.58
C HIS A 458 -3.15 0.61 13.97
N ARG A 459 -3.24 0.19 15.23
CA ARG A 459 -2.41 -0.85 15.89
C ARG A 459 -2.29 -2.10 15.02
N LYS A 460 -3.40 -2.63 14.46
CA LYS A 460 -3.37 -3.95 13.76
C LYS A 460 -3.79 -3.87 12.29
N TYR A 461 -4.49 -2.81 11.84
CA TYR A 461 -5.01 -2.70 10.45
C TYR A 461 -4.29 -1.60 9.66
N TYR A 462 -3.16 -1.09 10.18
CA TYR A 462 -2.25 -0.17 9.42
C TYR A 462 -2.01 -0.76 8.03
N SER A 463 -1.80 0.10 7.04
CA SER A 463 -1.53 -0.21 5.60
C SER A 463 -2.76 -0.83 4.92
N THR A 464 -3.97 -0.56 5.42
CA THR A 464 -5.26 -1.01 4.81
C THR A 464 -6.25 0.15 4.75
N THR A 465 -7.32 -0.04 3.98
CA THR A 465 -8.45 0.92 3.84
C THR A 465 -9.29 0.90 5.12
N HIS A 466 -9.52 -0.28 5.72
CA HIS A 466 -10.36 -0.44 6.93
C HIS A 466 -9.64 0.14 8.15
N GLY A 467 -8.31 -0.02 8.22
CA GLY A 467 -7.49 0.61 9.27
C GLY A 467 -7.64 2.11 9.21
N ALA A 468 -7.49 2.67 8.01
CA ALA A 468 -7.67 4.11 7.72
C ALA A 468 -9.05 4.56 8.23
N LEU A 469 -10.09 3.85 7.79
CA LEU A 469 -11.51 4.16 8.14
C LEU A 469 -11.68 4.12 9.66
N LEU A 470 -11.28 3.00 10.29
CA LEU A 470 -11.47 2.76 11.73
C LEU A 470 -10.68 3.77 12.56
N SER A 471 -9.51 4.21 12.08
CA SER A 471 -8.66 5.24 12.76
C SER A 471 -9.41 6.58 12.79
N GLY A 472 -10.08 6.94 11.70
CA GLY A 472 -10.95 8.13 11.60
C GLY A 472 -12.10 8.08 12.60
N GLN A 473 -12.74 6.91 12.72
CA GLN A 473 -13.89 6.68 13.63
C GLN A 473 -13.41 6.77 15.09
N ARG A 474 -12.18 6.30 15.38
CA ARG A 474 -11.56 6.32 16.74
C ARG A 474 -11.40 7.77 17.23
N GLU A 475 -10.83 8.65 16.42
CA GLU A 475 -10.57 10.07 16.77
C GLU A 475 -11.90 10.83 16.86
N ALA A 476 -12.84 10.54 15.97
CA ALA A 476 -14.22 11.08 16.01
C ALA A 476 -14.87 10.69 17.33
N ALA A 477 -14.87 9.38 17.63
CA ALA A 477 -15.45 8.76 18.85
C ALA A 477 -14.91 9.46 20.11
N ARG A 478 -13.65 9.91 20.06
CA ARG A 478 -12.91 10.61 21.15
C ARG A 478 -13.57 11.96 21.44
N LEU A 479 -13.77 12.79 20.41
CA LEU A 479 -14.44 14.11 20.51
C LEU A 479 -15.93 13.90 20.86
N ILE A 480 -16.57 12.94 20.21
CA ILE A 480 -17.97 12.51 20.49
C ILE A 480 -18.11 12.23 21.99
N GLU A 481 -17.20 11.43 22.57
CA GLU A 481 -17.21 11.07 24.01
C GLU A 481 -16.98 12.32 24.87
N MET A 482 -16.03 13.18 24.48
CA MET A 482 -15.66 14.42 25.22
C MET A 482 -16.88 15.31 25.43
N TYR A 483 -17.79 15.38 24.45
CA TYR A 483 -18.93 16.34 24.41
C TYR A 483 -20.28 15.66 24.75
N ARG A 484 -20.35 14.32 24.81
CA ARG A 484 -21.43 13.61 25.54
C ARG A 484 -21.26 13.88 27.04
N ASP A 485 -20.01 13.97 27.50
CA ASP A 485 -19.62 14.20 28.92
C ASP A 485 -19.87 15.67 29.29
N LEU A 486 -19.66 16.61 28.37
CA LEU A 486 -19.92 18.06 28.56
C LEU A 486 -21.41 18.38 28.33
N PHE A 487 -22.21 17.41 27.86
CA PHE A 487 -23.70 17.43 27.91
C PHE A 487 -24.17 16.81 29.23
N GLN A 488 -23.57 15.67 29.62
CA GLN A 488 -23.86 14.94 30.89
C GLN A 488 -23.45 15.79 32.10
N GLN A 489 -22.39 16.61 31.96
CA GLN A 489 -21.97 17.61 32.98
C GLN A 489 -22.96 18.79 32.99
N SER A 490 -23.06 19.51 31.86
CA SER A 490 -23.92 20.72 31.70
C SER A 490 -25.40 20.33 31.73
C2 6YU B . -6.33 -1.93 1.09
C4 6YU B . -5.22 -2.81 -0.76
N5 6YU B . -3.02 -1.81 -1.49
C6 6YU B . -1.85 -0.13 -2.86
C7 6YU B . -1.34 1.14 -3.06
C8 6YU B . -1.56 2.13 -2.10
C9 6YU B . -2.26 1.81 -0.94
N10 6YU B . -3.43 0.15 0.49
PA 6YU B . -4.85 9.11 2.75
O1A 6YU B . -3.46 9.40 2.30
O2A 6YU B . -5.62 8.25 1.63
O5B 6YU B . -5.67 10.46 3.13
C5B 6YU B . -5.05 11.63 3.68
C4B 6YU B . -5.43 12.86 2.85
O4B 6YU B . -4.69 14.01 3.28
C3B 6YU B . -5.11 12.69 1.32
O3B 6YU B . -6.30 12.84 0.52
C2B 6YU B . -4.07 13.82 1.03
O2B 6YU B . -4.26 14.37 -0.27
C1B 6YU B . -4.41 14.84 2.15
N9A 6YU B . -3.35 15.77 2.55
C8A 6YU B . -1.99 15.57 2.54
N7A 6YU B . -1.36 16.61 2.99
C5A 6YU B . -2.28 17.55 3.31
C6A 6YU B . -2.19 18.85 3.82
N6A 6YU B . -0.96 19.39 4.11
N1A 6YU B . -3.33 19.54 4.03
C2A 6YU B . -4.52 19.00 3.74
N3A 6YU B . -4.65 17.78 3.26
C4A 6YU B . -3.57 17.02 3.03
N1 6YU B . -5.40 -0.99 1.24
O2 6YU B . -7.27 -1.95 1.87
N3 6YU B . -6.26 -2.81 0.09
O4 6YU B . -5.25 -3.66 -1.65
C4X 6YU B . -4.18 -1.84 -0.62
C5X 6YU B . -2.53 -0.48 -1.69
C7M 6YU B . -0.61 1.40 -4.37
C8M 6YU B . -1.08 3.55 -2.30
C9A 6YU B . -2.75 0.52 -0.70
C10 6YU B . -4.32 -0.90 0.39
C1' 6YU B . -3.46 1.08 1.65
C2' 6YU B . -4.66 2.07 1.62
O2' 6YU B . -4.89 2.57 0.32
C3' 6YU B . -4.40 3.20 2.62
O3' 6YU B . -4.12 2.60 3.88
C4' 6YU B . -5.63 4.10 2.81
O4' 6YU B . -6.20 4.55 1.58
C5' 6YU B . -5.14 5.32 3.60
O5' 6YU B . -6.22 6.16 4.02
P 6YU B . -5.88 7.44 4.92
O1P 6YU B . -7.09 8.26 5.21
O2P 6YU B . -5.20 6.99 6.29
O3P 6YU B . -4.76 8.27 4.11
C1N 6YU B . -1.14 -14.54 -7.45
C2N 6YU B . -0.54 -13.50 -6.94
C3N 6YU B . 0.06 -12.46 -6.44
C4N 6YU B . -0.77 -11.29 -5.95
N5N 6YU B . -0.16 -10.73 -4.73
C6N 6YU B . -1.22 -10.27 -3.82
C7N 6YU B . -0.62 -9.48 -2.64
C8N 6YU B . -1.52 -8.28 -2.37
C9N 6YU B . -1.36 -7.77 -0.92
NN1 6YU B . -2.26 -6.47 -0.69
CN1 6YU B . -1.71 -5.39 -1.18
CN2 6YU B . -2.47 -4.18 -1.12
CN3 6YU B . -2.13 -2.94 -1.54
CN4 6YU B . -0.68 -2.91 -2.05
C2 3EI C . -0.86 -14.07 -2.68
C3 3EI C . -1.08 -14.98 -3.71
C4 3EI C . -0.01 -15.59 -4.34
C5 3EI C . 1.31 -15.32 -3.96
C7 3EI C . 3.69 -16.01 -4.33
C12 3EI C . 6.26 -15.92 -1.76
C15 3EI C . 6.87 -16.09 0.35
C16 3EI C . 6.75 -16.49 1.70
C17 3EI C . 5.64 -17.19 2.10
C18 3EI C . 4.64 -17.51 1.17
C19 3EI C . 4.76 -17.13 -0.13
C21 3EI C . 1.52 -14.38 -2.93
O1 3EI C . -1.92 -13.48 -2.07
N6 3EI C . 2.34 -15.99 -4.67
N8 3EI C . 4.20 -15.94 -3.14
C9 3EI C . 5.53 -16.00 -3.04
C10 3EI C . 6.19 -16.14 -4.22
S11 3EI C . 5.00 -16.19 -5.50
C13 3EI C . 7.46 -15.30 -1.58
N14 3EI C . 7.81 -15.42 -0.30
N20 3EI C . 5.87 -16.43 -0.54
C22 3EI C . 0.45 -13.78 -2.30
CL CL D . -7.54 -3.41 -10.96
#